data_6U9Q
#
_entry.id   6U9Q
#
_cell.length_a   101.000
_cell.length_b   60.160
_cell.length_c   75.790
_cell.angle_alpha   90.000
_cell.angle_beta   129.730
_cell.angle_gamma   90.000
#
_symmetry.space_group_name_H-M   'C 1 2 1'
#
loop_
_entity.id
_entity.type
_entity.pdbx_description
1 polymer 'B-cell lymphoma/leukemia 11A'
2 polymer DNA5
3 polymer DNA3
4 non-polymer 'ZINC ION'
5 non-polymer 'PHOSPHATE ION'
6 non-polymer 'MAGNESIUM ION'
7 water water
#
loop_
_entity_poly.entity_id
_entity_poly.type
_entity_poly.pdbx_seq_one_letter_code
_entity_poly.pdbx_strand_id
1 'polypeptide(L)'
;GPHMPGRPSSKEGRRSDTCEYCGKVFKNCSNLTVHRRSHTGERPYKCELCNYACAQSSKLTRHMKTHGQVGKDVYKCEIC
KMPFSVYSTLEKHMKKWHSDRVLNNDIKTE
;
A
2 'polydeoxyribonucleotide' (DC)(DA)(DT)(DT)(DG)(DG)(DT)(DC)(DA)(DA)(DG)(DC)(DG) B
3 'polydeoxyribonucleotide' (DG)(DC)(DT)(DT)(DG)(DA)(DC)(DC)(DA)(DA)(DT)(DG)(DC) C
#
# COMPACT_ATOMS: atom_id res chain seq x y z
N GLU A 12 -21.84 -24.13 4.38
CA GLU A 12 -22.06 -25.57 4.56
C GLU A 12 -20.91 -26.36 3.96
N GLY A 13 -19.69 -25.84 4.15
CA GLY A 13 -18.52 -26.36 3.48
C GLY A 13 -17.95 -25.30 2.58
N ARG A 14 -18.84 -24.60 1.87
CA ARG A 14 -18.52 -23.34 1.20
C ARG A 14 -18.18 -22.23 2.19
N ARG A 15 -18.40 -22.46 3.48
CA ARG A 15 -17.86 -21.57 4.49
C ARG A 15 -16.36 -21.39 4.31
N SER A 16 -15.68 -22.40 3.74
CA SER A 16 -14.26 -22.29 3.48
C SER A 16 -13.96 -21.11 2.56
N ASP A 17 -14.84 -20.83 1.60
CA ASP A 17 -14.71 -19.69 0.71
C ASP A 17 -15.45 -18.44 1.20
N THR A 18 -15.89 -18.43 2.46
CA THR A 18 -16.72 -17.35 2.99
C THR A 18 -15.97 -16.56 4.05
N CYS A 19 -16.11 -15.23 4.02
CA CYS A 19 -15.52 -14.38 5.04
C CYS A 19 -16.11 -14.67 6.42
N GLU A 20 -15.24 -14.92 7.40
CA GLU A 20 -15.66 -15.24 8.76
C GLU A 20 -16.20 -14.02 9.51
N TYR A 21 -15.99 -12.82 8.99
CA TYR A 21 -16.41 -11.61 9.69
C TYR A 21 -17.72 -11.03 9.18
N CYS A 22 -18.01 -11.16 7.88
CA CYS A 22 -19.24 -10.60 7.33
C CYS A 22 -20.02 -11.56 6.45
N GLY A 23 -19.56 -12.80 6.28
CA GLY A 23 -20.31 -13.77 5.52
C GLY A 23 -20.25 -13.66 4.01
N LYS A 24 -19.41 -12.77 3.47
CA LYS A 24 -19.32 -12.65 2.02
C LYS A 24 -18.65 -13.88 1.40
N VAL A 25 -19.23 -14.37 0.31
CA VAL A 25 -18.79 -15.61 -0.33
C VAL A 25 -17.94 -15.26 -1.55
N PHE A 26 -16.80 -15.95 -1.69
CA PHE A 26 -15.86 -15.71 -2.79
C PHE A 26 -15.68 -16.97 -3.61
N LYS A 27 -15.45 -16.78 -4.91
CA LYS A 27 -15.03 -17.85 -5.81
C LYS A 27 -13.51 -17.94 -5.90
N ASN A 28 -12.84 -16.81 -5.82
CA ASN A 28 -11.38 -16.73 -5.86
C ASN A 28 -10.91 -16.65 -4.41
N CYS A 29 -10.29 -17.72 -3.91
CA CYS A 29 -9.85 -17.75 -2.51
C CYS A 29 -8.86 -16.63 -2.19
N SER A 30 -8.04 -16.21 -3.16
CA SER A 30 -7.14 -15.09 -2.89
C SER A 30 -7.91 -13.79 -2.66
N ASN A 31 -9.06 -13.62 -3.32
CA ASN A 31 -9.85 -12.41 -3.05
C ASN A 31 -10.35 -12.40 -1.61
N LEU A 32 -10.66 -13.58 -1.06
CA LEU A 32 -11.06 -13.68 0.34
C LEU A 32 -9.90 -13.31 1.28
N THR A 33 -8.70 -13.79 0.99
CA THR A 33 -7.54 -13.48 1.83
C THR A 33 -7.34 -11.97 1.92
N VAL A 34 -7.40 -11.29 0.78
CA VAL A 34 -7.23 -9.83 0.76
C VAL A 34 -8.42 -9.15 1.40
N HIS A 35 -9.65 -9.59 1.09
CA HIS A 35 -10.83 -8.96 1.69
C HIS A 35 -10.80 -9.03 3.21
N ARG A 36 -10.41 -10.18 3.75
CA ARG A 36 -10.40 -10.37 5.19
C ARG A 36 -9.53 -9.35 5.88
N ARG A 37 -8.46 -8.90 5.23
CA ARG A 37 -7.57 -7.92 5.84
C ARG A 37 -8.24 -6.58 6.02
N SER A 38 -9.33 -6.31 5.30
CA SER A 38 -10.08 -5.09 5.55
C SER A 38 -10.78 -5.14 6.91
N HIS A 39 -11.00 -6.34 7.47
CA HIS A 39 -11.49 -6.50 8.83
C HIS A 39 -10.35 -6.55 9.84
N THR A 40 -9.30 -7.32 9.55
CA THR A 40 -8.29 -7.60 10.55
C THR A 40 -7.25 -6.51 10.68
N GLY A 41 -7.15 -5.61 9.71
CA GLY A 41 -6.08 -4.62 9.73
C GLY A 41 -4.71 -5.14 9.33
N GLU A 42 -4.59 -6.41 8.93
CA GLU A 42 -3.29 -6.95 8.56
C GLU A 42 -2.79 -6.28 7.27
N ARG A 43 -1.54 -5.84 7.27
CA ARG A 43 -0.94 -5.16 6.12
C ARG A 43 0.45 -5.71 5.90
N PRO A 44 0.56 -6.88 5.25
CA PRO A 44 1.86 -7.57 5.20
C PRO A 44 2.84 -7.02 4.19
N TYR A 45 2.42 -6.19 3.23
CA TYR A 45 3.31 -5.72 2.17
C TYR A 45 3.81 -4.34 2.55
N LYS A 46 5.11 -4.24 2.83
CA LYS A 46 5.70 -3.02 3.38
C LYS A 46 6.62 -2.36 2.37
N CYS A 47 6.39 -1.08 2.11
CA CYS A 47 7.34 -0.30 1.33
C CYS A 47 8.67 -0.21 2.06
N GLU A 48 9.75 -0.32 1.29
CA GLU A 48 11.08 -0.09 1.82
C GLU A 48 11.53 1.36 1.74
N LEU A 49 10.78 2.20 1.03
CA LEU A 49 11.17 3.60 0.82
C LEU A 49 10.32 4.58 1.62
N CYS A 50 9.36 4.09 2.40
CA CYS A 50 8.55 4.92 3.31
C CYS A 50 7.77 3.95 4.20
N ASN A 51 6.93 4.49 5.07
CA ASN A 51 6.25 3.60 6.01
C ASN A 51 4.90 3.09 5.47
N TYR A 52 4.64 3.28 4.18
CA TYR A 52 3.44 2.69 3.56
C TYR A 52 3.40 1.18 3.77
N ALA A 53 2.23 0.66 4.12
CA ALA A 53 2.02 -0.78 4.18
C ALA A 53 0.61 -1.08 3.71
N CYS A 54 0.43 -2.23 3.06
CA CYS A 54 -0.88 -2.48 2.46
C CYS A 54 -1.22 -3.96 2.52
N ALA A 55 -2.47 -4.26 2.16
CA ALA A 55 -3.02 -5.60 2.30
C ALA A 55 -2.84 -6.47 1.06
N GLN A 56 -2.29 -5.92 -0.02
CA GLN A 56 -2.36 -6.57 -1.35
C GLN A 56 -1.07 -6.30 -2.09
N SER A 57 -0.44 -7.35 -2.64
CA SER A 57 0.88 -7.19 -3.23
C SER A 57 0.89 -6.13 -4.31
N SER A 58 -0.12 -6.13 -5.19
CA SER A 58 -0.14 -5.22 -6.32
C SER A 58 -0.39 -3.76 -5.91
N LYS A 59 -0.90 -3.52 -4.70
CA LYS A 59 -0.98 -2.15 -4.21
C LYS A 59 0.40 -1.61 -3.87
N LEU A 60 1.28 -2.47 -3.34
CA LEU A 60 2.66 -2.03 -3.12
C LEU A 60 3.34 -1.73 -4.44
N THR A 61 3.09 -2.56 -5.47
CA THR A 61 3.64 -2.29 -6.78
C THR A 61 3.18 -0.95 -7.32
N ARG A 62 1.88 -0.67 -7.22
CA ARG A 62 1.35 0.61 -7.67
C ARG A 62 1.94 1.74 -6.85
N HIS A 63 1.97 1.58 -5.53
CA HIS A 63 2.55 2.60 -4.66
C HIS A 63 4.00 2.90 -5.02
N MET A 64 4.79 1.85 -5.33
CA MET A 64 6.22 2.07 -5.56
C MET A 64 6.45 3.03 -6.73
N LYS A 65 5.50 3.13 -7.65
CA LYS A 65 5.67 4.05 -8.76
C LYS A 65 5.71 5.51 -8.30
N THR A 66 5.14 5.82 -7.13
CA THR A 66 5.22 7.19 -6.62
C THR A 66 6.62 7.56 -6.11
N HIS A 67 7.54 6.59 -6.02
CA HIS A 67 8.90 6.86 -5.57
C HIS A 67 9.86 7.07 -6.72
N GLY A 68 9.41 6.94 -7.96
CA GLY A 68 10.26 7.25 -9.08
C GLY A 68 10.11 6.25 -10.21
N GLN A 69 10.16 6.75 -11.44
CA GLN A 69 10.11 5.93 -12.64
C GLN A 69 11.48 5.93 -13.31
N VAL A 70 11.73 4.88 -14.10
CA VAL A 70 13.06 4.65 -14.65
C VAL A 70 13.50 5.81 -15.52
N GLY A 71 12.76 6.09 -16.59
CA GLY A 71 13.19 7.10 -17.54
C GLY A 71 13.00 8.53 -17.08
N LYS A 72 12.30 8.76 -15.98
CA LYS A 72 11.96 10.10 -15.53
C LYS A 72 12.87 10.55 -14.40
N ASP A 73 12.73 11.84 -14.05
CA ASP A 73 13.50 12.45 -12.98
C ASP A 73 12.80 12.26 -11.64
N VAL A 74 13.58 12.37 -10.57
CA VAL A 74 13.13 12.03 -9.22
C VAL A 74 13.49 13.17 -8.27
N TYR A 75 12.55 13.58 -7.44
CA TYR A 75 12.78 14.61 -6.44
C TYR A 75 12.99 13.95 -5.08
N LYS A 76 14.07 14.30 -4.40
CA LYS A 76 14.40 13.68 -3.12
C LYS A 76 14.24 14.66 -1.99
N CYS A 77 13.58 14.23 -0.92
CA CYS A 77 13.57 15.02 0.31
C CYS A 77 14.99 15.23 0.83
N GLU A 78 15.38 16.49 1.00
CA GLU A 78 16.73 16.79 1.50
C GLU A 78 16.93 16.30 2.92
N ILE A 79 15.86 16.15 3.69
CA ILE A 79 16.01 15.79 5.10
C ILE A 79 16.13 14.27 5.28
N CYS A 80 15.15 13.51 4.77
CA CYS A 80 15.11 12.07 5.01
C CYS A 80 15.47 11.24 3.80
N LYS A 81 15.80 11.87 2.67
CA LYS A 81 16.30 11.25 1.45
C LYS A 81 15.21 10.51 0.68
N MET A 82 13.95 10.60 1.08
CA MET A 82 12.90 9.85 0.40
C MET A 82 12.70 10.37 -1.03
N PRO A 83 12.65 9.48 -2.03
CA PRO A 83 12.47 9.90 -3.42
C PRO A 83 11.01 9.94 -3.85
N PHE A 84 10.69 10.92 -4.72
CA PHE A 84 9.33 11.04 -5.22
C PHE A 84 9.32 11.32 -6.71
N SER A 85 8.36 10.74 -7.43
CA SER A 85 8.25 11.06 -8.83
C SER A 85 7.49 12.36 -9.08
N VAL A 86 6.68 12.82 -8.12
CA VAL A 86 5.84 14.01 -8.33
C VAL A 86 6.15 15.04 -7.25
N TYR A 87 6.50 16.26 -7.69
CA TYR A 87 6.95 17.26 -6.74
C TYR A 87 5.88 17.61 -5.72
N SER A 88 4.62 17.66 -6.14
CA SER A 88 3.55 17.97 -5.20
C SER A 88 3.41 16.88 -4.14
N THR A 89 3.77 15.65 -4.47
CA THR A 89 3.74 14.59 -3.48
C THR A 89 4.87 14.74 -2.49
N LEU A 90 6.05 15.20 -2.95
CA LEU A 90 7.12 15.54 -2.02
C LEU A 90 6.69 16.66 -1.07
N GLU A 91 6.02 17.69 -1.59
CA GLU A 91 5.65 18.80 -0.71
C GLU A 91 4.62 18.35 0.33
N LYS A 92 3.70 17.46 -0.05
CA LYS A 92 2.78 16.90 0.94
C LYS A 92 3.56 16.13 2.01
N HIS A 93 4.58 15.38 1.58
CA HIS A 93 5.46 14.70 2.52
C HIS A 93 6.18 15.69 3.43
N MET A 94 6.72 16.77 2.85
CA MET A 94 7.42 17.78 3.63
C MET A 94 6.53 18.34 4.74
N LYS A 95 5.28 18.65 4.42
CA LYS A 95 4.38 19.22 5.42
C LYS A 95 3.98 18.18 6.46
N LYS A 96 3.82 16.91 6.05
CA LYS A 96 3.43 15.89 7.03
C LYS A 96 4.56 15.57 7.99
N TRP A 97 5.77 15.33 7.45
CA TRP A 97 6.82 14.70 8.22
C TRP A 97 7.88 15.66 8.74
N HIS A 98 7.92 16.88 8.22
CA HIS A 98 8.98 17.83 8.54
C HIS A 98 8.38 19.20 8.83
N SER A 99 7.34 19.22 9.67
CA SER A 99 6.60 20.46 9.94
C SER A 99 7.50 21.59 10.45
N ASP A 100 8.71 21.29 10.91
CA ASP A 100 9.61 22.32 11.43
C ASP A 100 10.50 22.91 10.33
#